data_6J7C
#
_entry.id   6J7C
#
_cell.length_a   125.379
_cell.length_b   125.379
_cell.length_c   140.633
_cell.angle_alpha   90.000
_cell.angle_beta   90.000
_cell.angle_gamma   120.000
#
_symmetry.space_group_name_H-M   'P 63 2 2'
#
loop_
_entity.id
_entity.type
_entity.pdbx_description
1 polymer 'Proline racemase'
2 non-polymer PROLINE
3 water water
#
_entity_poly.entity_id   1
_entity_poly.type   'polypeptide(L)'
_entity_poly.pdbx_seq_one_letter_code
;MGSSHHHHHHSQDLFADHVFHVVDTHTEGEPTRIVLSGVNVKGEDIIEKREYFKEHYDWIRTALLHEPRGHSDQFGAVLV
PSDIADFGVIYMDTSGYLDMCGHATMGVATVLVELGIIEKKEPYTTVKLETPAGLVEAKAKVKGGVVKEVTVVDVPSFYV
GEFVIEYPGRGKIKVDVAFGGNFYVIADARDLGLRVRREYIKELIPTALKLIKVANEQIKVQHPRKGVQNRINLAMLTDE
PEREDSDGKNVVIWGEGSVDRSPCGTGSASRVATLYSKGILKEGDIFVHESILGTQFRIKIVGTTKIGEYTAIIPEITGS
AYITKISQDIISKNDPLWKGFLLR
;
_entity_poly.pdbx_strand_id   A
#
# COMPACT_ATOMS: atom_id res chain seq x y z
N LEU A 14 19.87 26.56 12.86
CA LEU A 14 21.16 26.53 13.57
C LEU A 14 21.42 25.15 14.23
N PHE A 15 20.32 24.48 14.58
CA PHE A 15 20.34 23.22 15.33
C PHE A 15 20.14 22.01 14.43
N ALA A 16 20.03 22.19 13.12
CA ALA A 16 19.67 21.13 12.19
C ALA A 16 20.87 20.68 11.36
N ASP A 17 21.08 19.37 11.28
CA ASP A 17 22.00 18.78 10.29
C ASP A 17 21.30 18.50 8.97
N HIS A 18 20.03 18.05 9.00
CA HIS A 18 19.26 17.84 7.79
C HIS A 18 17.82 18.29 8.01
N VAL A 19 17.16 18.63 6.91
CA VAL A 19 15.79 19.16 6.94
C VAL A 19 15.02 18.57 5.78
N PHE A 20 13.83 18.07 6.06
CA PHE A 20 12.99 17.47 5.03
C PHE A 20 11.62 18.11 5.03
N HIS A 21 11.10 18.38 3.84
CA HIS A 21 9.75 18.88 3.67
C HIS A 21 8.84 17.65 3.54
N VAL A 22 8.15 17.29 4.62
CA VAL A 22 7.26 16.14 4.61
C VAL A 22 5.83 16.62 4.80
N VAL A 23 4.92 16.15 3.95
CA VAL A 23 3.50 16.42 4.08
C VAL A 23 2.80 15.09 4.36
N ASP A 24 2.03 15.04 5.45
CA ASP A 24 1.31 13.84 5.86
C ASP A 24 -0.10 13.80 5.27
N THR A 25 -0.58 12.60 5.01
CA THR A 25 -2.00 12.41 4.76
C THR A 25 -2.45 11.22 5.57
N HIS A 26 -3.77 11.02 5.67
CA HIS A 26 -4.31 9.71 6.00
C HIS A 26 -5.26 9.33 4.89
N THR A 27 -5.39 8.02 4.66
CA THR A 27 -6.32 7.48 3.68
C THR A 27 -7.15 6.44 4.38
N GLU A 28 -8.40 6.78 4.67
CA GLU A 28 -9.27 5.95 5.49
C GLU A 28 -8.50 5.54 6.74
N GLY A 29 -7.70 6.45 7.29
CA GLY A 29 -6.98 6.22 8.52
C GLY A 29 -5.52 5.83 8.38
N GLU A 30 -5.08 5.43 7.19
CA GLU A 30 -3.72 4.92 7.00
C GLU A 30 -2.80 6.03 6.55
N PRO A 31 -1.73 6.32 7.28
CA PRO A 31 -0.92 7.50 6.99
C PRO A 31 0.05 7.27 5.84
N THR A 32 0.30 8.36 5.10
CA THR A 32 1.40 8.42 4.15
C THR A 32 2.19 9.68 4.42
N ARG A 33 3.45 9.51 4.85
CA ARG A 33 4.40 10.62 4.99
C ARG A 33 5.05 10.88 3.63
N ILE A 34 4.67 11.97 2.97
CA ILE A 34 5.06 12.25 1.59
C ILE A 34 6.18 13.29 1.59
N VAL A 35 7.37 12.93 1.06
CA VAL A 35 8.56 13.77 1.18
C VAL A 35 8.84 14.48 -0.15
N LEU A 36 9.06 15.80 -0.06
CA LEU A 36 9.09 16.67 -1.22
C LEU A 36 10.38 17.45 -1.33
N SER A 37 11.38 17.12 -0.52
CA SER A 37 12.62 17.87 -0.60
C SER A 37 13.70 17.12 0.15
N GLY A 38 14.95 17.31 -0.27
CA GLY A 38 16.10 16.76 0.43
C GLY A 38 16.60 15.42 -0.06
N VAL A 39 16.04 14.89 -1.15
CA VAL A 39 16.40 13.58 -1.66
C VAL A 39 16.69 13.77 -3.14
N ASN A 40 17.95 13.81 -3.51
CA ASN A 40 18.32 13.65 -4.93
C ASN A 40 18.70 12.18 -5.17
N VAL A 41 18.12 11.59 -6.24
CA VAL A 41 18.25 10.18 -6.54
C VAL A 41 18.50 10.06 -8.03
N LYS A 42 19.50 9.26 -8.39
CA LYS A 42 19.95 9.07 -9.75
C LYS A 42 19.47 7.71 -10.25
N GLY A 43 19.22 7.61 -11.55
CA GLY A 43 18.62 6.39 -12.07
C GLY A 43 17.86 6.65 -13.34
N GLU A 44 17.84 5.63 -14.20
CA GLU A 44 17.13 5.70 -15.47
C GLU A 44 15.63 5.67 -15.29
N ASP A 45 15.16 4.80 -14.40
CA ASP A 45 13.74 4.63 -14.13
C ASP A 45 13.49 4.60 -12.62
N ILE A 46 12.31 4.16 -12.23
CA ILE A 46 11.99 4.14 -10.81
C ILE A 46 12.64 2.95 -10.10
N ILE A 47 12.81 1.82 -10.81
CA ILE A 47 13.45 0.66 -10.17
C ILE A 47 14.91 0.95 -9.86
N GLU A 48 15.59 1.65 -10.77
CA GLU A 48 16.98 2.05 -10.54
C GLU A 48 17.05 3.07 -9.41
N LYS A 49 16.24 4.12 -9.51
CA LYS A 49 16.18 5.13 -8.46
C LYS A 49 15.86 4.53 -7.10
N ARG A 50 14.99 3.51 -7.06
CA ARG A 50 14.71 2.84 -5.79
C ARG A 50 15.95 2.12 -5.24
N GLU A 51 16.68 1.41 -6.11
CA GLU A 51 17.92 0.78 -5.65
C GLU A 51 18.91 1.83 -5.18
N TYR A 52 19.02 2.96 -5.90
CA TYR A 52 19.91 4.02 -5.45
C TYR A 52 19.46 4.59 -4.11
N PHE A 53 18.15 4.56 -3.85
CA PHE A 53 17.67 4.96 -2.54
C PHE A 53 18.06 3.94 -1.47
N LYS A 54 17.83 2.65 -1.72
CA LYS A 54 18.17 1.65 -0.71
C LYS A 54 19.64 1.73 -0.32
N GLU A 55 20.51 2.13 -1.26
CA GLU A 55 21.94 2.11 -0.99
C GLU A 55 22.36 3.30 -0.14
N HIS A 56 22.10 4.50 -0.61
CA HIS A 56 22.61 5.70 0.04
C HIS A 56 21.66 6.28 1.08
N TYR A 57 20.36 5.98 0.97
CA TYR A 57 19.34 6.78 1.64
C TYR A 57 18.42 5.97 2.54
N ASP A 58 18.69 4.70 2.80
CA ASP A 58 17.78 3.97 3.66
C ASP A 58 17.67 4.62 5.03
N TRP A 59 18.66 5.42 5.42
CA TRP A 59 18.59 6.06 6.72
C TRP A 59 17.45 7.08 6.78
N ILE A 60 17.19 7.76 5.66
CA ILE A 60 16.03 8.65 5.60
C ILE A 60 14.76 7.88 5.92
N ARG A 61 14.65 6.65 5.41
CA ARG A 61 13.41 5.91 5.61
C ARG A 61 13.18 5.60 7.07
N THR A 62 14.20 5.22 7.82
CA THR A 62 13.93 5.00 9.23
C THR A 62 13.82 6.31 10.00
N ALA A 63 14.54 7.34 9.58
CA ALA A 63 14.44 8.61 10.28
C ALA A 63 13.06 9.23 10.13
N LEU A 64 12.32 8.83 9.11
CA LEU A 64 11.03 9.44 8.82
C LEU A 64 9.84 8.59 9.23
N LEU A 65 9.98 7.26 9.29
CA LEU A 65 8.85 6.42 9.65
C LEU A 65 9.02 5.64 10.96
N HIS A 66 10.25 5.44 11.43
CA HIS A 66 10.44 4.90 12.77
C HIS A 66 10.20 6.04 13.76
N GLU A 67 10.41 5.79 15.00
CA GLU A 67 10.29 6.83 16.00
C GLU A 67 11.58 7.65 16.10
N PRO A 68 11.49 8.92 16.54
CA PRO A 68 10.25 9.52 17.05
C PRO A 68 9.43 10.25 15.99
N ARG A 69 9.88 10.25 14.72
CA ARG A 69 9.21 11.04 13.68
C ARG A 69 8.05 10.32 13.06
N GLY A 70 7.97 9.00 13.25
CA GLY A 70 6.88 8.16 12.82
C GLY A 70 6.40 7.33 13.98
N HIS A 71 6.17 6.04 13.70
CA HIS A 71 5.68 5.10 14.72
C HIS A 71 5.58 3.71 14.10
N SER A 72 5.11 2.74 14.90
CA SER A 72 5.12 1.32 14.50
C SER A 72 4.45 1.04 13.15
N ASP A 73 3.63 1.96 12.64
CA ASP A 73 2.68 1.64 11.57
C ASP A 73 2.74 2.62 10.41
N GLN A 74 3.80 3.38 10.30
CA GLN A 74 3.84 4.57 9.50
C GLN A 74 4.18 4.20 8.05
N PHE A 75 4.06 5.16 7.14
CA PHE A 75 4.26 4.84 5.74
C PHE A 75 4.78 6.07 5.01
N GLY A 76 5.59 5.85 3.97
CA GLY A 76 6.22 6.96 3.27
C GLY A 76 6.24 6.78 1.77
N ALA A 77 6.31 7.92 1.08
CA ALA A 77 6.45 7.95 -0.36
C ALA A 77 7.35 9.11 -0.74
N VAL A 78 8.35 8.84 -1.59
CA VAL A 78 9.34 9.82 -1.99
C VAL A 78 9.06 10.24 -3.42
N LEU A 79 8.75 11.51 -3.64
CA LEU A 79 8.57 11.95 -5.00
C LEU A 79 9.92 12.09 -5.67
N VAL A 80 10.03 11.54 -6.87
CA VAL A 80 11.21 11.66 -7.70
C VAL A 80 10.74 11.98 -9.11
N PRO A 81 11.62 12.51 -9.97
CA PRO A 81 11.22 12.81 -11.34
C PRO A 81 11.02 11.53 -12.16
N SER A 82 10.46 11.73 -13.34
CA SER A 82 10.18 10.63 -14.23
C SER A 82 10.13 11.17 -15.65
N ASP A 83 10.66 10.40 -16.59
CA ASP A 83 10.57 10.78 -17.98
C ASP A 83 9.29 10.27 -18.59
N ILE A 84 8.77 9.19 -18.02
CA ILE A 84 7.64 8.47 -18.58
C ILE A 84 6.34 8.80 -17.86
N ALA A 85 6.34 9.79 -16.97
CA ALA A 85 5.19 10.11 -16.13
C ALA A 85 5.38 11.49 -15.54
N ASP A 86 4.37 11.94 -14.78
CA ASP A 86 4.48 13.21 -14.06
C ASP A 86 5.56 13.11 -12.99
N PHE A 87 5.53 12.03 -12.21
CA PHE A 87 6.56 11.76 -11.23
C PHE A 87 6.70 10.25 -11.07
N GLY A 88 7.76 9.86 -10.38
CA GLY A 88 7.90 8.51 -9.87
C GLY A 88 7.75 8.57 -8.36
N VAL A 89 7.52 7.40 -7.77
CA VAL A 89 7.22 7.28 -6.36
C VAL A 89 7.96 6.07 -5.80
N ILE A 90 8.77 6.29 -4.77
CA ILE A 90 9.40 5.21 -4.03
C ILE A 90 8.57 5.00 -2.78
N TYR A 91 7.80 3.91 -2.75
CA TYR A 91 7.03 3.57 -1.54
C TYR A 91 7.94 2.91 -0.53
N MET A 92 7.71 3.22 0.75
CA MET A 92 8.54 2.69 1.82
C MET A 92 7.69 2.56 3.09
N ASP A 93 8.08 1.63 3.96
CA ASP A 93 7.41 1.44 5.23
C ASP A 93 8.46 1.21 6.30
N THR A 94 8.00 0.80 7.50
CA THR A 94 8.91 0.65 8.64
C THR A 94 9.88 -0.51 8.44
N SER A 95 9.62 -1.43 7.51
CA SER A 95 10.45 -2.59 7.24
C SER A 95 11.19 -2.48 5.93
N GLY A 96 10.49 -2.19 4.83
CA GLY A 96 11.14 -2.18 3.54
C GLY A 96 10.44 -1.29 2.53
N TYR A 97 10.32 -1.77 1.29
CA TYR A 97 9.85 -0.96 0.17
C TYR A 97 8.92 -1.81 -0.69
N LEU A 98 7.63 -1.52 -0.65
CA LEU A 98 6.69 -2.30 -1.44
C LEU A 98 6.63 -1.83 -2.88
N ASP A 99 6.22 -2.73 -3.77
CA ASP A 99 6.25 -2.40 -5.19
C ASP A 99 5.12 -1.45 -5.57
N MET A 100 4.04 -1.46 -4.82
CA MET A 100 2.93 -0.56 -5.05
C MET A 100 2.18 -0.47 -3.74
N CYS A 101 1.33 0.56 -3.63
CA CYS A 101 0.52 0.73 -2.43
C CYS A 101 -0.67 1.62 -2.80
N GLY A 102 -1.87 1.20 -2.39
CA GLY A 102 -3.07 1.92 -2.73
C GLY A 102 -3.19 3.27 -2.04
N HIS A 103 -3.20 3.25 -0.72
CA HIS A 103 -3.51 4.45 0.05
C HIS A 103 -2.46 5.54 -0.14
N ALA A 104 -1.19 5.17 -0.35
CA ALA A 104 -0.16 6.19 -0.52
C ALA A 104 -0.33 6.92 -1.84
N THR A 105 -0.83 6.22 -2.86
CA THR A 105 -1.07 6.88 -4.13
C THR A 105 -2.21 7.87 -4.03
N MET A 106 -3.27 7.49 -3.32
CA MET A 106 -4.36 8.43 -3.05
C MET A 106 -3.84 9.64 -2.32
N GLY A 107 -2.93 9.42 -1.37
CA GLY A 107 -2.41 10.53 -0.61
C GLY A 107 -1.48 11.42 -1.41
N VAL A 108 -0.67 10.82 -2.29
CA VAL A 108 0.22 11.59 -3.14
C VAL A 108 -0.59 12.46 -4.10
N ALA A 109 -1.74 11.95 -4.55
CA ALA A 109 -2.54 12.70 -5.50
C ALA A 109 -3.17 13.90 -4.83
N THR A 110 -3.63 13.74 -3.60
CA THR A 110 -4.19 14.88 -2.87
C THR A 110 -3.14 15.98 -2.68
N VAL A 111 -1.97 15.62 -2.14
CA VAL A 111 -0.91 16.61 -1.91
C VAL A 111 -0.54 17.29 -3.22
N LEU A 112 -0.27 16.46 -4.24
CA LEU A 112 0.14 16.94 -5.56
C LEU A 112 -0.81 18.01 -6.10
N VAL A 113 -2.11 17.91 -5.78
CA VAL A 113 -3.09 18.88 -6.22
C VAL A 113 -3.22 20.02 -5.21
N GLU A 114 -3.63 19.69 -3.97
CA GLU A 114 -4.02 20.73 -3.03
C GLU A 114 -2.91 21.73 -2.78
N LEU A 115 -1.65 21.28 -2.87
CA LEU A 115 -0.47 22.15 -2.77
C LEU A 115 -0.12 22.83 -4.07
N GLY A 116 -0.87 22.59 -5.15
CA GLY A 116 -0.63 23.30 -6.39
C GLY A 116 0.63 22.91 -7.11
N ILE A 117 1.10 21.67 -6.92
CA ILE A 117 2.23 21.14 -7.66
C ILE A 117 1.83 20.77 -9.09
N ILE A 118 0.58 20.34 -9.28
CA ILE A 118 0.00 19.97 -10.57
C ILE A 118 -1.11 20.99 -10.86
N GLU A 119 -1.41 21.19 -12.14
CA GLU A 119 -2.51 22.07 -12.52
C GLU A 119 -3.84 21.46 -12.08
N LYS A 120 -4.54 22.14 -11.15
CA LYS A 120 -5.91 21.77 -10.81
C LYS A 120 -6.79 21.94 -12.03
N LYS A 121 -7.64 20.95 -12.33
CA LYS A 121 -8.47 21.13 -13.52
C LYS A 121 -9.79 20.39 -13.38
N GLU A 122 -10.73 20.75 -14.31
CA GLU A 122 -11.95 20.01 -14.69
C GLU A 122 -12.76 19.71 -13.43
N PRO A 123 -13.67 18.72 -13.45
CA PRO A 123 -14.00 18.04 -12.19
C PRO A 123 -12.88 17.13 -11.69
N TYR A 124 -12.19 16.43 -12.59
CA TYR A 124 -11.07 15.58 -12.23
C TYR A 124 -9.79 16.16 -12.78
N THR A 125 -8.77 16.25 -11.94
CA THR A 125 -7.42 16.47 -12.40
C THR A 125 -6.64 15.18 -12.19
N THR A 126 -5.91 14.76 -13.23
CA THR A 126 -5.38 13.42 -13.36
C THR A 126 -3.86 13.45 -13.30
N VAL A 127 -3.27 12.41 -12.69
CA VAL A 127 -1.82 12.29 -12.54
C VAL A 127 -1.41 10.90 -12.98
N LYS A 128 -0.37 10.83 -13.79
CA LYS A 128 0.26 9.58 -14.17
C LYS A 128 1.50 9.43 -13.31
N LEU A 129 1.67 8.26 -12.70
CA LEU A 129 2.77 8.03 -11.76
C LEU A 129 3.57 6.79 -12.16
N GLU A 130 4.89 6.92 -12.18
CA GLU A 130 5.75 5.77 -12.47
C GLU A 130 6.02 5.04 -11.15
N THR A 131 5.41 3.88 -10.96
CA THR A 131 5.61 3.11 -9.74
C THR A 131 6.34 1.81 -10.04
N PRO A 132 6.99 1.21 -9.04
CA PRO A 132 7.73 -0.05 -9.31
C PRO A 132 6.95 -1.10 -10.05
N ALA A 133 5.66 -1.27 -9.75
CA ALA A 133 4.85 -2.33 -10.34
C ALA A 133 4.13 -1.89 -11.59
N GLY A 134 4.44 -0.71 -12.11
CA GLY A 134 3.79 -0.25 -13.31
C GLY A 134 3.28 1.16 -13.23
N LEU A 135 2.88 1.71 -14.39
CA LEU A 135 2.37 3.08 -14.43
C LEU A 135 0.95 3.12 -13.89
N VAL A 136 0.67 4.11 -13.04
CA VAL A 136 -0.54 4.15 -12.23
C VAL A 136 -1.19 5.51 -12.34
N GLU A 137 -2.46 5.53 -12.76
CA GLU A 137 -3.18 6.76 -12.99
C GLU A 137 -3.99 7.07 -11.74
N ALA A 138 -3.91 8.32 -11.30
CA ALA A 138 -4.69 8.77 -10.15
C ALA A 138 -5.62 9.89 -10.60
N LYS A 139 -6.92 9.69 -10.38
CA LYS A 139 -7.93 10.67 -10.78
C LYS A 139 -8.54 11.30 -9.51
N ALA A 140 -8.33 12.60 -9.33
CA ALA A 140 -8.78 13.29 -8.14
C ALA A 140 -9.98 14.19 -8.47
N LYS A 141 -11.08 13.99 -7.75
CA LYS A 141 -12.22 14.87 -7.80
C LYS A 141 -11.94 16.09 -6.92
N VAL A 142 -11.99 17.29 -7.49
CA VAL A 142 -11.65 18.51 -6.78
C VAL A 142 -12.85 19.45 -6.73
N LYS A 143 -13.25 19.83 -5.52
CA LYS A 143 -14.25 20.87 -5.28
C LYS A 143 -13.54 22.09 -4.69
N GLY A 144 -13.54 23.18 -5.44
CA GLY A 144 -12.79 24.37 -5.08
C GLY A 144 -11.31 24.10 -5.15
N GLY A 145 -10.66 24.10 -3.99
CA GLY A 145 -9.27 23.67 -3.97
C GLY A 145 -9.17 22.24 -3.48
N VAL A 146 -10.22 21.78 -2.77
CA VAL A 146 -10.19 20.55 -1.98
C VAL A 146 -10.34 19.33 -2.87
N VAL A 147 -9.52 18.30 -2.64
CA VAL A 147 -9.72 17.01 -3.28
C VAL A 147 -10.68 16.21 -2.43
N LYS A 148 -11.83 15.84 -3.01
CA LYS A 148 -12.84 15.19 -2.21
C LYS A 148 -12.66 13.69 -2.22
N GLU A 149 -12.11 13.14 -3.30
CA GLU A 149 -11.79 11.73 -3.34
C GLU A 149 -10.81 11.52 -4.48
N VAL A 150 -10.17 10.36 -4.48
CA VAL A 150 -9.21 10.00 -5.52
C VAL A 150 -9.58 8.62 -6.02
N THR A 151 -9.51 8.40 -7.32
CA THR A 151 -9.68 7.07 -7.88
C THR A 151 -8.35 6.60 -8.47
N VAL A 152 -7.82 5.50 -7.94
CA VAL A 152 -6.56 4.96 -8.40
C VAL A 152 -6.84 3.87 -9.41
N VAL A 153 -6.37 4.05 -10.63
CA VAL A 153 -6.38 2.98 -11.62
C VAL A 153 -5.18 2.11 -11.34
N ASP A 154 -5.31 1.18 -10.39
CA ASP A 154 -4.19 0.33 -10.01
C ASP A 154 -3.70 -0.50 -11.20
N VAL A 155 -2.48 -1.03 -11.06
CA VAL A 155 -1.83 -1.89 -12.06
C VAL A 155 -2.60 -3.19 -12.20
N PRO A 156 -2.47 -3.89 -13.32
CA PRO A 156 -3.19 -5.15 -13.51
C PRO A 156 -2.93 -6.14 -12.40
N SER A 157 -4.03 -6.63 -11.80
CA SER A 157 -4.01 -7.57 -10.69
C SER A 157 -4.52 -8.94 -11.15
N PHE A 158 -4.06 -10.00 -10.50
CA PHE A 158 -4.46 -11.33 -10.93
C PHE A 158 -4.44 -12.33 -9.78
N TYR A 159 -5.12 -13.45 -10.01
CA TYR A 159 -5.14 -14.60 -9.10
C TYR A 159 -4.05 -15.57 -9.49
N VAL A 160 -3.32 -16.07 -8.48
CA VAL A 160 -2.24 -17.01 -8.71
C VAL A 160 -2.63 -18.45 -8.39
N GLY A 161 -3.50 -18.66 -7.41
CA GLY A 161 -3.95 -19.98 -7.03
C GLY A 161 -4.34 -20.00 -5.57
N GLU A 162 -5.04 -21.07 -5.19
CA GLU A 162 -5.28 -21.37 -3.78
C GLU A 162 -4.40 -22.54 -3.40
N PHE A 163 -4.07 -22.64 -2.12
CA PHE A 163 -3.08 -23.60 -1.67
C PHE A 163 -3.45 -24.14 -0.31
N VAL A 164 -3.05 -25.39 -0.08
CA VAL A 164 -3.20 -26.05 1.20
C VAL A 164 -1.81 -26.03 1.82
N ILE A 165 -1.57 -25.09 2.71
CA ILE A 165 -0.28 -24.96 3.34
C ILE A 165 -0.35 -25.52 4.75
N GLU A 166 0.81 -25.87 5.30
CA GLU A 166 0.92 -26.40 6.65
C GLU A 166 1.25 -25.26 7.61
N TYR A 167 0.30 -24.92 8.48
CA TYR A 167 0.47 -23.91 9.52
C TYR A 167 0.61 -24.62 10.87
N PRO A 168 1.81 -24.65 11.47
CA PRO A 168 1.98 -25.38 12.73
C PRO A 168 1.00 -24.94 13.81
N GLY A 169 0.60 -25.90 14.64
CA GLY A 169 -0.42 -25.64 15.64
C GLY A 169 -1.82 -25.50 15.09
N ARG A 170 -1.99 -25.66 13.78
CA ARG A 170 -3.30 -25.48 13.15
C ARG A 170 -3.62 -26.53 12.09
N GLY A 171 -2.63 -27.24 11.55
CA GLY A 171 -2.91 -28.26 10.57
C GLY A 171 -2.73 -27.78 9.15
N LYS A 172 -3.78 -27.88 8.34
CA LYS A 172 -3.72 -27.44 6.95
C LYS A 172 -4.78 -26.37 6.74
N ILE A 173 -4.37 -25.23 6.20
CA ILE A 173 -5.23 -24.07 5.99
C ILE A 173 -5.43 -23.90 4.50
N LYS A 174 -6.67 -23.54 4.12
CA LYS A 174 -6.96 -23.13 2.75
C LYS A 174 -6.63 -21.65 2.58
N VAL A 175 -5.87 -21.32 1.54
CA VAL A 175 -5.26 -20.01 1.42
C VAL A 175 -5.23 -19.58 -0.05
N ASP A 176 -5.66 -18.35 -0.32
CA ASP A 176 -5.56 -17.75 -1.65
C ASP A 176 -4.32 -16.85 -1.75
N VAL A 177 -3.84 -16.65 -2.97
CA VAL A 177 -2.62 -15.90 -3.23
C VAL A 177 -2.84 -15.10 -4.51
N ALA A 178 -2.91 -13.78 -4.38
CA ALA A 178 -3.13 -12.93 -5.53
C ALA A 178 -2.16 -11.76 -5.51
N PHE A 179 -2.11 -11.05 -6.62
CA PHE A 179 -1.24 -9.90 -6.79
C PHE A 179 -2.08 -8.68 -7.15
N GLY A 180 -1.97 -7.62 -6.35
CA GLY A 180 -2.61 -6.38 -6.69
C GLY A 180 -1.63 -5.22 -6.71
N GLY A 181 -0.40 -5.48 -7.18
CA GLY A 181 0.71 -4.57 -7.04
C GLY A 181 1.73 -5.06 -6.04
N ASN A 182 1.31 -5.90 -5.11
CA ASN A 182 2.15 -6.77 -4.31
C ASN A 182 1.42 -8.10 -4.23
N PHE A 183 2.17 -9.17 -3.99
CA PHE A 183 1.54 -10.46 -3.75
C PHE A 183 1.03 -10.56 -2.32
N TYR A 184 -0.14 -11.17 -2.14
CA TYR A 184 -0.80 -11.25 -0.85
C TYR A 184 -1.14 -12.70 -0.52
N VAL A 185 -1.10 -13.02 0.78
CA VAL A 185 -1.69 -14.24 1.34
C VAL A 185 -3.04 -13.87 1.91
N ILE A 186 -4.12 -14.32 1.28
CA ILE A 186 -5.46 -14.10 1.79
C ILE A 186 -5.92 -15.38 2.48
N ALA A 187 -6.51 -15.22 3.67
CA ALA A 187 -6.95 -16.34 4.48
C ALA A 187 -8.01 -15.84 5.47
N ASP A 188 -9.07 -16.64 5.64
CA ASP A 188 -10.11 -16.26 6.60
C ASP A 188 -9.57 -16.33 8.00
N ALA A 189 -9.88 -15.31 8.80
CA ALA A 189 -9.38 -15.27 10.17
C ALA A 189 -9.90 -16.43 11.02
N ARG A 190 -11.21 -16.71 10.95
CA ARG A 190 -11.74 -17.78 11.78
C ARG A 190 -11.14 -19.13 11.42
N ASP A 191 -10.65 -19.29 10.19
CA ASP A 191 -9.90 -20.49 9.84
C ASP A 191 -8.65 -20.66 10.69
N LEU A 192 -8.06 -19.56 11.16
CA LEU A 192 -6.91 -19.64 12.04
C LEU A 192 -7.24 -19.26 13.48
N GLY A 193 -8.52 -19.19 13.83
CA GLY A 193 -8.91 -19.16 15.23
C GLY A 193 -9.06 -17.79 15.84
N LEU A 194 -9.26 -16.76 15.02
CA LEU A 194 -9.42 -15.38 15.49
C LEU A 194 -10.51 -14.71 14.66
N ARG A 195 -10.97 -13.56 15.14
CA ARG A 195 -11.84 -12.69 14.37
C ARG A 195 -11.17 -11.34 14.19
N VAL A 196 -11.10 -10.82 12.95
CA VAL A 196 -10.49 -9.51 12.76
C VAL A 196 -11.44 -8.42 13.28
N ARG A 197 -11.35 -8.15 14.57
CA ARG A 197 -11.91 -6.98 15.20
C ARG A 197 -10.81 -6.32 16.00
N ARG A 198 -11.07 -5.09 16.47
CA ARG A 198 -10.05 -4.27 17.13
C ARG A 198 -9.34 -5.03 18.24
N GLU A 199 -10.08 -5.86 18.98
CA GLU A 199 -9.59 -6.46 20.22
C GLU A 199 -8.56 -7.58 19.97
N TYR A 200 -8.57 -8.18 18.79
CA TYR A 200 -7.70 -9.31 18.49
C TYR A 200 -6.39 -8.90 17.82
N ILE A 201 -5.96 -7.65 18.00
CA ILE A 201 -4.87 -7.13 17.18
C ILE A 201 -3.53 -7.65 17.70
N LYS A 202 -3.31 -7.62 19.01
CA LYS A 202 -2.06 -8.15 19.54
C LYS A 202 -1.96 -9.68 19.41
N GLU A 203 -3.01 -10.32 18.90
CA GLU A 203 -2.97 -11.70 18.42
C GLU A 203 -3.00 -11.80 16.89
N LEU A 204 -3.56 -10.80 16.20
CA LEU A 204 -3.65 -10.87 14.74
C LEU A 204 -2.30 -10.61 14.08
N ILE A 205 -1.45 -9.79 14.71
CA ILE A 205 -0.14 -9.46 14.17
C ILE A 205 0.75 -10.71 14.16
N PRO A 206 0.93 -11.43 15.28
CA PRO A 206 1.83 -12.61 15.24
C PRO A 206 1.34 -13.68 14.28
N THR A 207 0.04 -14.00 14.33
CA THR A 207 -0.54 -14.98 13.41
C THR A 207 -0.24 -14.62 11.97
N ALA A 208 -0.68 -13.43 11.55
CA ALA A 208 -0.53 -13.01 10.16
C ALA A 208 0.93 -12.97 9.75
N LEU A 209 1.80 -12.69 10.70
CA LEU A 209 3.22 -12.60 10.39
C LEU A 209 3.77 -13.99 10.02
N LYS A 210 3.49 -14.99 10.86
CA LYS A 210 3.89 -16.37 10.55
C LYS A 210 3.25 -16.84 9.25
N LEU A 211 1.99 -16.49 9.04
CA LEU A 211 1.33 -16.82 7.78
C LEU A 211 2.12 -16.34 6.56
N ILE A 212 2.94 -15.29 6.72
CA ILE A 212 3.78 -14.85 5.60
C ILE A 212 5.05 -15.70 5.50
N LYS A 213 5.66 -16.05 6.64
CA LYS A 213 6.84 -16.91 6.63
C LYS A 213 6.52 -18.27 6.05
N VAL A 214 5.53 -18.94 6.64
CA VAL A 214 5.08 -20.24 6.19
C VAL A 214 4.70 -20.22 4.71
N ALA A 215 3.87 -19.25 4.31
CA ALA A 215 3.37 -19.22 2.94
C ALA A 215 4.50 -19.10 1.92
N ASN A 216 5.58 -18.40 2.28
CA ASN A 216 6.62 -18.16 1.29
C ASN A 216 7.59 -19.33 1.18
N GLU A 217 7.55 -20.25 2.15
CA GLU A 217 8.33 -21.47 2.07
C GLU A 217 7.70 -22.49 1.12
N GLN A 218 6.39 -22.70 1.24
CA GLN A 218 5.71 -23.71 0.42
C GLN A 218 5.34 -23.17 -0.96
N ILE A 219 4.71 -21.99 -1.03
CA ILE A 219 4.21 -21.43 -2.28
C ILE A 219 5.32 -20.61 -2.93
N LYS A 220 5.36 -20.62 -4.26
CA LYS A 220 6.22 -19.73 -5.05
C LYS A 220 5.35 -18.86 -5.95
N VAL A 221 5.76 -17.59 -6.12
CA VAL A 221 5.08 -16.64 -6.98
C VAL A 221 6.08 -16.06 -7.98
N GLN A 222 5.56 -15.44 -9.03
CA GLN A 222 6.43 -14.92 -10.09
C GLN A 222 5.68 -13.84 -10.86
N HIS A 223 6.21 -12.63 -10.85
CA HIS A 223 5.68 -11.55 -11.67
C HIS A 223 6.67 -11.23 -12.79
N PRO A 224 6.21 -11.11 -14.03
CA PRO A 224 7.14 -11.00 -15.16
C PRO A 224 7.87 -9.67 -15.22
N ARG A 225 7.47 -8.68 -14.44
CA ARG A 225 7.98 -7.31 -14.61
C ARG A 225 9.29 -7.10 -13.85
N LYS A 226 10.21 -6.37 -14.47
CA LYS A 226 11.50 -6.11 -13.82
C LYS A 226 11.32 -5.25 -12.59
N GLY A 227 11.78 -5.75 -11.45
CA GLY A 227 11.72 -5.03 -10.20
C GLY A 227 10.61 -5.48 -9.27
N VAL A 228 9.65 -6.26 -9.76
CA VAL A 228 8.54 -6.69 -8.91
C VAL A 228 9.00 -7.91 -8.12
N GLN A 229 9.00 -7.81 -6.79
CA GLN A 229 9.64 -8.86 -6.01
C GLN A 229 8.76 -10.12 -5.96
N ASN A 230 9.40 -11.26 -6.19
CA ASN A 230 8.73 -12.54 -6.30
C ASN A 230 8.63 -13.23 -4.95
N ARG A 231 8.02 -12.52 -4.00
CA ARG A 231 7.64 -13.16 -2.73
C ARG A 231 6.33 -12.54 -2.27
N ILE A 232 5.58 -13.32 -1.51
CA ILE A 232 4.39 -12.78 -0.85
C ILE A 232 4.83 -11.84 0.27
N ASN A 233 4.48 -10.57 0.16
CA ASN A 233 5.01 -9.62 1.12
C ASN A 233 4.03 -9.21 2.20
N LEU A 234 2.74 -9.49 2.01
CA LEU A 234 1.70 -9.00 2.91
C LEU A 234 0.67 -10.10 3.17
N ALA A 235 0.09 -10.08 4.37
CA ALA A 235 -0.95 -11.03 4.76
C ALA A 235 -2.29 -10.32 4.98
N MET A 236 -3.37 -10.91 4.45
CA MET A 236 -4.70 -10.34 4.54
C MET A 236 -5.65 -11.35 5.15
N LEU A 237 -6.25 -11.02 6.28
CA LEU A 237 -7.14 -11.93 6.99
C LEU A 237 -8.53 -11.33 7.00
N THR A 238 -9.50 -12.08 6.45
CA THR A 238 -10.86 -11.59 6.24
C THR A 238 -11.78 -12.08 7.36
N ASP A 239 -12.95 -11.43 7.47
CA ASP A 239 -14.01 -11.77 8.43
C ASP A 239 -15.27 -11.03 8.01
N GLU A 240 -16.36 -11.26 8.73
CA GLU A 240 -17.60 -10.58 8.42
C GLU A 240 -17.47 -9.11 8.80
N PRO A 241 -17.88 -8.19 7.93
CA PRO A 241 -17.81 -6.77 8.26
C PRO A 241 -18.80 -6.40 9.35
N GLU A 242 -18.62 -5.21 9.89
CA GLU A 242 -19.55 -4.68 10.89
C GLU A 242 -20.62 -3.78 10.29
N ARG A 243 -20.36 -3.14 9.15
CA ARG A 243 -21.27 -2.14 8.58
C ARG A 243 -22.09 -2.75 7.46
N GLU A 244 -23.24 -2.13 7.19
CA GLU A 244 -24.15 -2.70 6.20
C GLU A 244 -23.68 -2.43 4.78
N ASP A 245 -23.07 -1.26 4.51
CA ASP A 245 -22.56 -1.00 3.17
C ASP A 245 -21.51 -2.02 2.77
N SER A 246 -20.88 -2.70 3.73
CA SER A 246 -19.61 -3.38 3.48
C SER A 246 -19.81 -4.78 2.92
N ASP A 247 -19.08 -5.11 1.86
CA ASP A 247 -19.08 -6.47 1.34
C ASP A 247 -18.08 -7.38 2.06
N GLY A 248 -16.95 -6.85 2.54
CA GLY A 248 -15.98 -7.67 3.24
C GLY A 248 -15.09 -6.86 4.15
N LYS A 249 -14.72 -7.45 5.27
CA LYS A 249 -13.75 -6.86 6.20
C LYS A 249 -12.41 -7.55 6.00
N ASN A 250 -11.33 -6.83 6.30
CA ASN A 250 -9.99 -7.42 6.24
C ASN A 250 -9.02 -6.54 7.01
N VAL A 251 -7.93 -7.15 7.44
CA VAL A 251 -6.78 -6.41 7.95
C VAL A 251 -5.53 -6.91 7.24
N VAL A 252 -4.69 -5.97 6.81
CA VAL A 252 -3.46 -6.30 6.10
C VAL A 252 -2.28 -5.99 7.01
N ILE A 253 -1.38 -6.96 7.12
CA ILE A 253 -0.28 -6.96 8.09
C ILE A 253 0.98 -7.44 7.39
N TRP A 254 2.08 -6.70 7.50
CA TRP A 254 3.30 -7.14 6.82
C TRP A 254 4.52 -6.70 7.62
N GLY A 255 5.70 -6.82 6.98
CA GLY A 255 6.94 -6.37 7.59
C GLY A 255 7.21 -6.97 8.96
N GLU A 256 7.51 -6.12 9.95
CA GLU A 256 7.75 -6.56 11.31
C GLU A 256 6.52 -6.42 12.20
N GLY A 257 5.34 -6.22 11.59
CA GLY A 257 4.09 -6.15 12.35
C GLY A 257 3.20 -4.97 11.99
N SER A 258 3.57 -4.25 10.95
CA SER A 258 2.82 -3.08 10.51
C SER A 258 1.40 -3.48 10.08
N VAL A 259 0.41 -2.69 10.50
CA VAL A 259 -1.00 -3.04 10.34
C VAL A 259 -1.70 -1.94 9.56
N ASP A 260 -2.33 -2.31 8.46
CA ASP A 260 -3.00 -1.31 7.64
C ASP A 260 -4.27 -0.82 8.33
N ARG A 261 -4.34 0.49 8.58
CA ARG A 261 -5.54 1.06 9.17
C ARG A 261 -6.64 1.29 8.15
N SER A 262 -6.34 1.12 6.86
CA SER A 262 -7.27 1.23 5.75
C SER A 262 -7.62 -0.15 5.22
N PRO A 263 -8.63 -0.25 4.35
CA PRO A 263 -8.92 -1.56 3.73
C PRO A 263 -7.83 -2.03 2.76
N CYS A 264 -6.74 -1.28 2.63
CA CYS A 264 -5.57 -1.66 1.84
C CYS A 264 -5.90 -1.77 0.36
N GLY A 265 -5.48 -0.78 -0.42
CA GLY A 265 -5.86 -0.73 -1.83
C GLY A 265 -5.32 -1.90 -2.63
N THR A 266 -4.00 -2.13 -2.55
CA THR A 266 -3.38 -3.15 -3.39
C THR A 266 -3.82 -4.56 -3.00
N GLY A 267 -4.11 -4.79 -1.71
CA GLY A 267 -4.63 -6.07 -1.31
C GLY A 267 -6.08 -6.24 -1.73
N SER A 268 -6.90 -5.22 -1.49
CA SER A 268 -8.27 -5.25 -1.97
C SER A 268 -8.30 -5.56 -3.46
N ALA A 269 -7.46 -4.89 -4.23
CA ALA A 269 -7.31 -5.23 -5.65
C ALA A 269 -7.05 -6.71 -5.83
N SER A 270 -6.17 -7.28 -5.01
CA SER A 270 -5.82 -8.69 -5.18
C SER A 270 -7.00 -9.59 -4.85
N ARG A 271 -7.68 -9.32 -3.72
CA ARG A 271 -8.89 -10.08 -3.38
C ARG A 271 -9.88 -10.09 -4.54
N VAL A 272 -10.24 -8.90 -5.05
CA VAL A 272 -11.18 -8.82 -6.16
C VAL A 272 -10.74 -9.67 -7.34
N ALA A 273 -9.44 -9.65 -7.67
CA ALA A 273 -8.94 -10.49 -8.75
C ALA A 273 -9.14 -11.98 -8.46
N THR A 274 -9.14 -12.36 -7.18
CA THR A 274 -9.49 -13.72 -6.81
C THR A 274 -10.97 -13.98 -7.05
N LEU A 275 -11.83 -13.12 -6.49
CA LEU A 275 -13.26 -13.25 -6.69
C LEU A 275 -13.64 -13.17 -8.17
N TYR A 276 -12.85 -12.49 -9.00
CA TYR A 276 -13.14 -12.48 -10.43
C TYR A 276 -12.86 -13.85 -11.03
N SER A 277 -11.68 -14.43 -10.77
CA SER A 277 -11.39 -15.75 -11.29
C SER A 277 -12.37 -16.79 -10.73
N LYS A 278 -12.69 -16.68 -9.43
CA LYS A 278 -13.73 -17.53 -8.88
C LYS A 278 -15.12 -17.20 -9.42
N GLY A 279 -15.24 -16.27 -10.38
CA GLY A 279 -16.52 -15.91 -10.98
C GLY A 279 -17.47 -15.11 -10.11
N ILE A 280 -17.23 -15.07 -8.79
CA ILE A 280 -18.11 -14.39 -7.83
C ILE A 280 -18.36 -12.93 -8.22
N LEU A 281 -17.37 -12.27 -8.84
CA LEU A 281 -17.49 -10.92 -9.35
C LEU A 281 -17.26 -10.92 -10.85
N LYS A 282 -18.08 -10.15 -11.57
CA LYS A 282 -17.94 -9.94 -13.01
C LYS A 282 -17.34 -8.57 -13.30
N GLU A 283 -16.84 -8.42 -14.52
CA GLU A 283 -16.38 -7.12 -14.98
C GLU A 283 -17.49 -6.09 -14.78
N GLY A 284 -17.12 -4.89 -14.34
CA GLY A 284 -18.08 -3.84 -14.08
C GLY A 284 -18.68 -3.83 -12.70
N ASP A 285 -18.68 -4.96 -11.99
CA ASP A 285 -19.18 -5.02 -10.62
C ASP A 285 -18.29 -4.20 -9.68
N ILE A 286 -18.87 -3.70 -8.57
CA ILE A 286 -18.07 -2.97 -7.58
C ILE A 286 -18.16 -3.69 -6.23
N PHE A 287 -17.03 -3.68 -5.49
CA PHE A 287 -16.87 -4.27 -4.18
C PHE A 287 -16.52 -3.19 -3.17
N VAL A 288 -16.99 -3.35 -1.94
CA VAL A 288 -16.74 -2.40 -0.85
C VAL A 288 -15.99 -3.14 0.25
N HIS A 289 -14.78 -2.67 0.60
CA HIS A 289 -13.93 -3.32 1.60
C HIS A 289 -13.91 -2.52 2.88
N GLU A 290 -13.83 -3.23 4.00
CA GLU A 290 -13.82 -2.61 5.32
C GLU A 290 -12.50 -2.90 6.02
N SER A 291 -11.85 -1.85 6.52
CA SER A 291 -10.65 -2.00 7.33
C SER A 291 -11.01 -2.46 8.74
N ILE A 292 -10.00 -2.83 9.52
CA ILE A 292 -10.22 -3.15 10.92
C ILE A 292 -10.66 -1.92 11.71
N LEU A 293 -10.58 -0.73 11.09
CA LEU A 293 -11.03 0.52 11.67
C LEU A 293 -12.49 0.83 11.36
N GLY A 294 -13.08 0.12 10.40
CA GLY A 294 -14.41 0.41 9.90
C GLY A 294 -14.45 1.35 8.71
N THR A 295 -13.31 1.88 8.28
CA THR A 295 -13.27 2.73 7.09
C THR A 295 -13.43 1.84 5.85
N GLN A 296 -13.68 2.45 4.68
CA GLN A 296 -13.94 1.64 3.48
C GLN A 296 -13.35 2.24 2.20
N PHE A 297 -13.02 1.34 1.26
CA PHE A 297 -12.73 1.63 -0.14
C PHE A 297 -13.84 1.05 -1.01
N ARG A 298 -13.81 1.39 -2.30
CA ARG A 298 -14.65 0.73 -3.29
C ARG A 298 -13.83 0.45 -4.53
N ILE A 299 -13.93 -0.78 -5.07
CA ILE A 299 -13.18 -1.19 -6.25
C ILE A 299 -14.15 -1.59 -7.36
N LYS A 300 -14.00 -0.98 -8.53
CA LYS A 300 -14.67 -1.44 -9.74
C LYS A 300 -13.68 -2.22 -10.60
N ILE A 301 -14.20 -3.23 -11.31
CA ILE A 301 -13.39 -4.03 -12.23
C ILE A 301 -13.48 -3.44 -13.64
N VAL A 302 -12.88 -2.27 -13.84
CA VAL A 302 -13.14 -1.50 -15.06
C VAL A 302 -12.61 -2.15 -16.33
N GLY A 303 -12.02 -3.33 -16.24
CA GLY A 303 -11.47 -3.93 -17.44
C GLY A 303 -10.76 -5.24 -17.13
N THR A 304 -10.22 -5.85 -18.19
CA THR A 304 -9.39 -7.04 -18.09
C THR A 304 -8.26 -6.97 -19.10
N THR A 305 -7.16 -7.63 -18.78
CA THR A 305 -6.02 -7.72 -19.68
C THR A 305 -5.19 -8.95 -19.29
N LYS A 306 -4.03 -9.10 -19.92
CA LYS A 306 -3.19 -10.28 -19.76
C LYS A 306 -1.84 -9.84 -19.19
N ILE A 307 -1.47 -10.40 -18.03
CA ILE A 307 -0.18 -10.15 -17.39
C ILE A 307 0.61 -11.44 -17.46
N GLY A 308 1.72 -11.41 -18.19
CA GLY A 308 2.40 -12.63 -18.55
C GLY A 308 1.41 -13.50 -19.28
N GLU A 309 0.89 -14.52 -18.60
CA GLU A 309 -0.24 -15.25 -19.16
C GLU A 309 -1.30 -15.55 -18.08
N TYR A 310 -1.24 -14.85 -16.95
CA TYR A 310 -2.37 -14.79 -16.04
C TYR A 310 -3.44 -13.86 -16.60
N THR A 311 -4.70 -14.21 -16.36
CA THR A 311 -5.78 -13.28 -16.68
C THR A 311 -5.93 -12.29 -15.54
N ALA A 312 -5.97 -11.01 -15.88
CA ALA A 312 -5.87 -9.94 -14.91
C ALA A 312 -7.05 -8.97 -15.04
N ILE A 313 -7.61 -8.59 -13.90
CA ILE A 313 -8.54 -7.47 -13.86
C ILE A 313 -7.78 -6.16 -13.89
N ILE A 314 -8.45 -5.11 -14.33
CA ILE A 314 -7.96 -3.76 -14.09
C ILE A 314 -8.82 -3.15 -12.99
N PRO A 315 -8.33 -3.10 -11.75
CA PRO A 315 -9.16 -2.56 -10.66
C PRO A 315 -8.98 -1.07 -10.47
N GLU A 316 -10.07 -0.41 -10.08
CA GLU A 316 -10.12 1.03 -9.84
C GLU A 316 -10.53 1.26 -8.38
N ILE A 317 -9.54 1.53 -7.53
CA ILE A 317 -9.81 1.78 -6.12
C ILE A 317 -10.20 3.24 -5.93
N THR A 318 -11.28 3.47 -5.19
CA THR A 318 -11.71 4.82 -4.86
C THR A 318 -11.80 5.02 -3.36
N GLY A 319 -11.29 6.15 -2.90
CA GLY A 319 -11.43 6.54 -1.50
C GLY A 319 -11.12 8.02 -1.35
N SER A 320 -10.80 8.43 -0.12
CA SER A 320 -10.33 9.81 0.02
C SER A 320 -9.20 9.88 1.05
N ALA A 321 -8.35 10.87 0.83
CA ALA A 321 -7.22 11.15 1.70
C ALA A 321 -7.27 12.61 2.09
N TYR A 322 -6.64 12.93 3.22
CA TYR A 322 -6.68 14.26 3.80
C TYR A 322 -5.31 14.61 4.33
N ILE A 323 -4.81 15.79 3.93
CA ILE A 323 -3.63 16.33 4.58
C ILE A 323 -3.91 16.48 6.07
N THR A 324 -2.98 15.99 6.88
CA THR A 324 -3.06 16.11 8.32
C THR A 324 -1.88 16.86 8.90
N LYS A 325 -0.74 16.90 8.21
CA LYS A 325 0.40 17.64 8.73
C LYS A 325 1.20 18.19 7.56
N ILE A 326 1.80 19.34 7.79
CA ILE A 326 2.78 19.92 6.88
C ILE A 326 4.00 20.22 7.74
N SER A 327 5.08 19.47 7.54
CA SER A 327 6.19 19.46 8.48
C SER A 327 7.51 19.80 7.79
N GLN A 328 8.39 20.37 8.60
CA GLN A 328 9.81 20.48 8.34
C GLN A 328 10.40 19.43 9.29
N ASP A 329 10.76 18.26 8.78
CA ASP A 329 11.32 17.25 9.68
C ASP A 329 12.78 17.56 9.94
N ILE A 330 13.19 17.58 11.21
CA ILE A 330 14.50 18.10 11.64
C ILE A 330 15.36 16.97 12.17
N ILE A 331 16.61 16.91 11.71
CA ILE A 331 17.61 16.01 12.27
C ILE A 331 18.59 16.86 13.07
N SER A 332 18.46 16.84 14.40
CA SER A 332 19.23 17.77 15.21
C SER A 332 20.65 17.27 15.42
N LYS A 333 21.51 18.23 15.77
CA LYS A 333 22.96 18.09 15.62
C LYS A 333 23.44 16.81 16.27
N ASN A 334 23.20 16.69 17.56
CA ASN A 334 23.80 15.65 18.38
C ASN A 334 22.81 14.58 18.77
N ASP A 335 21.76 14.40 17.98
CA ASP A 335 20.67 13.51 18.34
C ASP A 335 21.12 12.06 18.23
N PRO A 336 21.46 11.39 19.36
CA PRO A 336 21.90 9.99 19.28
C PRO A 336 20.92 9.08 18.54
N LEU A 337 19.65 9.49 18.52
CA LEU A 337 18.55 8.72 17.94
C LEU A 337 18.07 9.28 16.60
N TRP A 338 18.88 10.07 15.92
CA TRP A 338 18.51 10.62 14.61
C TRP A 338 18.01 9.55 13.64
N LYS A 339 18.56 8.35 13.70
CA LYS A 339 18.26 7.35 12.67
C LYS A 339 16.89 6.72 12.85
N GLY A 340 16.30 6.82 14.02
CA GLY A 340 15.03 6.18 14.24
C GLY A 340 15.18 4.91 15.04
N PHE A 341 14.21 4.64 15.93
CA PHE A 341 14.14 3.39 16.65
C PHE A 341 12.71 2.87 16.62
N LEU A 342 12.56 1.58 16.96
CA LEU A 342 11.26 1.01 17.27
C LEU A 342 11.36 0.13 18.49
N LEU A 343 10.25 0.05 19.21
CA LEU A 343 9.93 -1.10 20.04
C LEU A 343 8.47 -1.46 19.75
N ARG A 344 8.26 -2.66 19.21
CA ARG A 344 6.90 -3.13 18.93
C ARG A 344 6.33 -4.03 20.05
N PRO B . -1.42 -0.58 2.66
CA PRO B . -1.23 -0.17 1.27
C PRO B . -2.50 -0.13 0.40
O PRO B . -2.59 -0.81 -0.62
CB PRO B . -0.25 -1.23 0.75
CG PRO B . 0.63 -1.49 1.97
CD PRO B . -0.16 -1.09 3.21
OXT PRO B . -3.43 0.63 0.70
#